data_1PGW
#
_entry.id   1PGW
#
_cell.length_a   311.200
_cell.length_b   284.200
_cell.length_c   350.500
_cell.angle_alpha   90.00
_cell.angle_beta   90.00
_cell.angle_gamma   90.00
#
_symmetry.space_group_name_H-M   'P 2 21 21'
#
loop_
_entity.id
_entity.type
_entity.pdbx_description
1 polymer 'BEAN POD MOTTLE VIRUS SMALL (S) SUBUNIT'
2 polymer 'BEAN POD MOTTLE VIRUS LARGE (L) SUBUNIT'
3 water water
#
loop_
_entity_poly.entity_id
_entity_poly.type
_entity_poly.pdbx_seq_one_letter_code
_entity_poly.pdbx_strand_id
1 'polypeptide(L)'
;SISQQTVWNQMATVRTPLNFDSSKQSFCQFSVDLLGGGISVDKTGDWITLVQNSPISNLLRVAAWKKGCLMVKVVMSGNA
AVKRSDWASLVQVFLTNSNSTEHFDACRWTKSEPHSWELIFPIEVCGPNNGFEMWSSEWANQTSWHLSFLVDNPKQSTTF
DVLLGISQNFEIAGNTLMPAFSVPQ
;
1
2 'polypeptide(L)'
;MLDLKISQSKIALPKNTVGGTILRSDLLANFLTEGNFRASVDLQRTHRIKGMIKMVATVGIPENTGIALACAMNSSIRGR
ASSDIYTICSQDCELWNPACTKAMTMSFNPNPCSDAWSLEFLKRTGFHCDIICVTGWTATPMQDVQVTIDWFISSQECVP
RTYCVLNPQNPFVLNRWMGKLTFPQGTSRSVKRMPLSIGGGAGAKSAILMNMPNAVLSMWRYFVGDLVFEVSKMTSPYIK
CTVSFFIAFGNLADDTINFEAFPHKLVQFGEIQEKVVLKFSQEEFLTAWSTQVRPATTLLADGCPYLYAMVHDSSVSTIP
GDFVIGVKLTIIENMCAYGLNPGISGSRLLG
;
2
#
# COMPACT_ATOMS: atom_id res chain seq x y z
N SER A 1 -10.78 -4.52 20.05
CA SER A 1 -11.20 -3.32 19.27
C SER A 1 -10.30 -2.17 19.62
N ILE A 2 -9.74 -1.50 18.61
CA ILE A 2 -8.89 -0.36 18.88
C ILE A 2 -9.86 0.79 18.82
N SER A 3 -9.69 1.75 19.71
CA SER A 3 -10.57 2.92 19.71
C SER A 3 -10.06 4.01 20.63
N GLN A 4 -10.49 5.23 20.34
CA GLN A 4 -10.12 6.37 21.14
C GLN A 4 -11.17 7.41 20.87
N GLN A 5 -11.49 8.17 21.89
CA GLN A 5 -12.50 9.18 21.76
C GLN A 5 -12.06 10.45 21.11
N THR A 6 -12.95 10.97 20.29
CA THR A 6 -12.72 12.24 19.59
C THR A 6 -11.49 12.29 18.69
N VAL A 7 -11.15 11.18 18.05
CA VAL A 7 -10.06 11.24 17.11
C VAL A 7 -10.58 10.87 15.72
N TRP A 8 -10.74 11.92 14.91
CA TRP A 8 -11.19 11.87 13.52
C TRP A 8 -9.94 12.05 12.69
N ASN A 9 -10.09 12.09 11.37
CA ASN A 9 -8.95 12.30 10.49
C ASN A 9 -9.35 13.34 9.48
N GLN A 10 -8.45 14.26 9.16
CA GLN A 10 -8.74 15.30 8.18
C GLN A 10 -8.69 14.70 6.81
N MET A 11 -9.65 15.04 5.97
CA MET A 11 -9.63 14.51 4.61
C MET A 11 -9.42 15.59 3.55
N ALA A 12 -10.13 16.71 3.68
CA ALA A 12 -9.99 17.76 2.69
C ALA A 12 -10.30 19.13 3.25
N THR A 13 -9.73 20.15 2.61
CA THR A 13 -9.99 21.53 2.97
C THR A 13 -10.20 22.23 1.63
N VAL A 14 -11.38 22.77 1.44
CA VAL A 14 -11.70 23.47 0.21
C VAL A 14 -11.94 24.94 0.52
N ARG A 15 -11.16 25.79 -0.13
CA ARG A 15 -11.26 27.22 0.04
C ARG A 15 -11.85 27.78 -1.25
N THR A 16 -12.94 28.51 -1.09
CA THR A 16 -13.68 29.16 -2.16
C THR A 16 -12.75 30.07 -3.00
N PRO A 17 -12.98 30.16 -4.34
CA PRO A 17 -12.11 31.02 -5.15
C PRO A 17 -12.10 32.46 -4.70
N LEU A 18 -10.89 32.95 -4.45
CA LEU A 18 -10.70 34.32 -3.99
C LEU A 18 -11.11 35.36 -5.00
N ASN A 19 -10.97 35.02 -6.28
CA ASN A 19 -11.32 35.93 -7.35
C ASN A 19 -12.69 35.60 -7.93
N PHE A 20 -13.60 35.10 -7.09
CA PHE A 20 -14.95 34.79 -7.57
C PHE A 20 -15.58 36.12 -7.97
N ASP A 21 -16.26 36.11 -9.10
CA ASP A 21 -16.91 37.31 -9.57
C ASP A 21 -18.44 37.26 -9.45
N SER A 22 -18.92 37.91 -8.39
CA SER A 22 -20.35 37.97 -8.09
C SER A 22 -21.17 38.36 -9.31
N SER A 23 -20.60 39.27 -10.10
CA SER A 23 -21.28 39.77 -11.31
C SER A 23 -21.69 38.68 -12.32
N LYS A 24 -20.80 37.71 -12.60
CA LYS A 24 -21.17 36.68 -13.58
C LYS A 24 -22.26 35.73 -13.03
N GLN A 25 -22.01 35.17 -11.83
CA GLN A 25 -23.00 34.28 -11.16
C GLN A 25 -22.87 34.41 -9.66
N SER A 26 -23.93 34.06 -8.94
CA SER A 26 -23.92 34.22 -7.48
C SER A 26 -23.40 33.10 -6.62
N PHE A 27 -23.37 31.89 -7.16
CA PHE A 27 -22.91 30.77 -6.38
C PHE A 27 -21.78 30.12 -7.11
N CYS A 28 -21.25 29.06 -6.52
CA CYS A 28 -20.17 28.30 -7.12
C CYS A 28 -20.32 26.87 -6.61
N GLN A 29 -19.66 25.91 -7.24
CA GLN A 29 -19.81 24.51 -6.84
C GLN A 29 -18.56 23.66 -6.79
N PHE A 30 -18.50 22.75 -5.81
CA PHE A 30 -17.40 21.80 -5.68
C PHE A 30 -17.96 20.48 -5.18
N SER A 31 -17.19 19.40 -5.34
CA SER A 31 -17.66 18.09 -4.94
C SER A 31 -16.49 17.28 -4.44
N VAL A 32 -16.70 16.55 -3.36
CA VAL A 32 -15.65 15.72 -2.80
C VAL A 32 -16.03 14.26 -2.97
N ASP A 33 -15.15 13.49 -3.57
CA ASP A 33 -15.40 12.06 -3.75
C ASP A 33 -14.86 11.39 -2.48
N LEU A 34 -15.76 11.12 -1.55
CA LEU A 34 -15.38 10.54 -0.27
C LEU A 34 -14.57 9.25 -0.31
N LEU A 35 -14.93 8.32 -1.18
CA LEU A 35 -14.21 7.04 -1.22
C LEU A 35 -13.08 7.01 -2.20
N GLY A 36 -13.18 7.80 -3.26
CA GLY A 36 -12.14 7.85 -4.27
C GLY A 36 -11.02 8.80 -3.88
N GLY A 37 -11.36 9.77 -3.03
CA GLY A 37 -10.39 10.74 -2.57
C GLY A 37 -10.12 11.91 -3.51
N GLY A 38 -11.10 12.34 -4.29
CA GLY A 38 -10.86 13.46 -5.18
C GLY A 38 -11.74 14.67 -4.92
N ILE A 39 -11.32 15.86 -5.36
CA ILE A 39 -12.11 17.08 -5.20
C ILE A 39 -12.31 17.69 -6.58
N SER A 40 -13.54 18.06 -6.91
CA SER A 40 -13.85 18.66 -8.19
C SER A 40 -14.34 20.07 -7.99
N VAL A 41 -13.95 20.98 -8.86
CA VAL A 41 -14.36 22.36 -8.72
C VAL A 41 -14.85 23.02 -10.00
N ASP A 42 -15.45 24.18 -9.78
CA ASP A 42 -15.98 25.11 -10.77
C ASP A 42 -14.89 25.71 -11.59
N LYS A 43 -15.29 26.30 -12.71
CA LYS A 43 -14.32 27.06 -13.50
C LYS A 43 -14.64 28.54 -13.13
N THR A 44 -15.30 28.71 -11.99
CA THR A 44 -15.73 29.99 -11.46
C THR A 44 -14.61 30.90 -10.89
N GLY A 45 -13.40 30.36 -10.79
CA GLY A 45 -12.30 31.14 -10.25
C GLY A 45 -11.20 30.20 -9.81
N ASP A 46 -10.26 30.71 -9.04
CA ASP A 46 -9.17 29.88 -8.57
C ASP A 46 -9.37 29.35 -7.18
N TRP A 47 -9.81 28.10 -7.16
CA TRP A 47 -10.08 27.34 -5.95
C TRP A 47 -8.78 26.92 -5.30
N ILE A 48 -8.77 26.87 -3.98
CA ILE A 48 -7.60 26.41 -3.25
C ILE A 48 -8.10 25.13 -2.58
N THR A 49 -7.73 23.97 -3.10
CA THR A 49 -8.19 22.72 -2.52
C THR A 49 -7.05 21.85 -2.02
N LEU A 50 -7.33 21.01 -1.02
CA LEU A 50 -6.32 20.14 -0.47
C LEU A 50 -6.82 18.85 0.18
N VAL A 51 -6.25 17.72 -0.21
CA VAL A 51 -6.59 16.44 0.40
C VAL A 51 -5.42 16.10 1.33
N GLN A 52 -5.68 16.08 2.64
CA GLN A 52 -4.64 15.77 3.60
C GLN A 52 -4.26 14.31 3.52
N ASN A 53 -2.98 14.01 3.65
CA ASN A 53 -2.54 12.62 3.61
C ASN A 53 -2.63 12.03 5.03
N SER A 54 -3.80 12.14 5.64
CA SER A 54 -4.06 11.61 6.99
C SER A 54 -4.18 10.09 6.88
N PRO A 55 -4.11 9.37 8.01
CA PRO A 55 -4.22 7.92 7.90
C PRO A 55 -5.45 7.42 7.15
N ILE A 56 -6.64 7.99 7.41
CA ILE A 56 -7.84 7.52 6.72
C ILE A 56 -7.87 7.90 5.25
N SER A 57 -7.36 9.07 4.93
CA SER A 57 -7.33 9.55 3.57
C SER A 57 -6.42 8.60 2.76
N ASN A 58 -5.30 8.20 3.36
CA ASN A 58 -4.37 7.27 2.72
C ASN A 58 -4.99 5.90 2.55
N LEU A 59 -5.58 5.37 3.62
CA LEU A 59 -6.24 4.05 3.59
C LEU A 59 -7.32 3.92 2.52
N LEU A 60 -8.25 4.86 2.49
CA LEU A 60 -9.33 4.80 1.52
C LEU A 60 -8.89 4.75 0.07
N ARG A 61 -7.90 5.56 -0.28
CA ARG A 61 -7.42 5.62 -1.66
C ARG A 61 -6.75 4.36 -2.15
N VAL A 62 -6.23 3.60 -1.20
CA VAL A 62 -5.49 2.41 -1.49
C VAL A 62 -6.24 1.08 -1.20
N ALA A 63 -7.39 1.14 -0.55
CA ALA A 63 -8.18 -0.05 -0.21
C ALA A 63 -9.10 -0.44 -1.37
N ALA A 64 -8.82 -1.57 -2.01
CA ALA A 64 -9.60 -2.00 -3.17
C ALA A 64 -11.08 -2.28 -2.90
N TRP A 65 -11.38 -3.10 -1.89
CA TRP A 65 -12.76 -3.41 -1.54
C TRP A 65 -13.03 -2.87 -0.16
N LYS A 66 -14.11 -2.11 -0.02
CA LYS A 66 -14.49 -1.50 1.23
C LYS A 66 -15.88 -1.95 1.66
N LYS A 67 -16.18 -1.84 2.94
CA LYS A 67 -17.48 -2.26 3.46
C LYS A 67 -17.67 -1.78 4.89
N GLY A 68 -18.81 -1.20 5.21
CA GLY A 68 -19.01 -0.73 6.57
C GLY A 68 -19.29 0.76 6.71
N CYS A 69 -19.38 1.24 7.94
CA CYS A 69 -19.68 2.65 8.18
C CYS A 69 -18.51 3.56 8.39
N LEU A 70 -18.73 4.82 8.04
CA LEU A 70 -17.77 5.89 8.20
C LEU A 70 -18.59 7.06 8.69
N MET A 71 -17.97 7.90 9.48
CA MET A 71 -18.63 9.06 10.03
C MET A 71 -18.09 10.26 9.27
N VAL A 72 -18.96 11.19 8.88
CA VAL A 72 -18.53 12.35 8.13
C VAL A 72 -18.83 13.63 8.89
N LYS A 73 -17.87 14.54 8.97
CA LYS A 73 -18.10 15.82 9.62
C LYS A 73 -17.64 16.94 8.70
N VAL A 74 -18.53 17.88 8.42
CA VAL A 74 -18.20 19.03 7.57
C VAL A 74 -18.24 20.28 8.44
N VAL A 75 -17.18 21.08 8.42
CA VAL A 75 -17.14 22.31 9.22
C VAL A 75 -16.96 23.49 8.26
N MET A 76 -17.88 24.45 8.31
CA MET A 76 -17.76 25.60 7.44
C MET A 76 -17.29 26.78 8.27
N SER A 77 -16.13 27.32 7.92
CA SER A 77 -15.59 28.47 8.63
C SER A 77 -15.68 29.61 7.63
N GLY A 78 -16.50 30.60 7.93
CA GLY A 78 -16.70 31.70 7.01
C GLY A 78 -15.94 32.99 7.25
N ASN A 79 -16.43 34.01 6.59
CA ASN A 79 -15.89 35.36 6.65
C ASN A 79 -16.34 36.08 7.92
N ALA A 80 -15.44 36.21 8.88
CA ALA A 80 -15.74 36.84 10.16
C ALA A 80 -15.96 38.35 10.07
N ALA A 81 -15.50 38.94 8.96
CA ALA A 81 -15.63 40.38 8.75
C ALA A 81 -17.04 40.87 8.46
N VAL A 82 -17.90 39.96 8.02
CA VAL A 82 -19.28 40.30 7.73
C VAL A 82 -20.02 40.42 9.04
N LYS A 83 -20.76 41.50 9.23
CA LYS A 83 -21.50 41.64 10.46
C LYS A 83 -22.59 40.63 10.36
N ARG A 84 -22.96 40.08 11.49
CA ARG A 84 -23.98 39.06 11.53
C ARG A 84 -25.26 39.54 10.85
N SER A 85 -25.62 40.80 11.04
CA SER A 85 -26.84 41.34 10.43
C SER A 85 -26.82 41.35 8.91
N ASP A 86 -25.63 41.28 8.33
CA ASP A 86 -25.48 41.30 6.89
C ASP A 86 -25.31 39.94 6.26
N TRP A 87 -25.39 38.88 7.06
CA TRP A 87 -25.21 37.55 6.52
C TRP A 87 -26.28 37.31 5.48
N ALA A 88 -25.87 36.91 4.28
CA ALA A 88 -26.78 36.64 3.20
C ALA A 88 -26.11 35.59 2.33
N SER A 89 -26.02 34.39 2.88
CA SER A 89 -25.36 33.27 2.22
C SER A 89 -25.94 31.97 2.77
N LEU A 90 -25.87 30.91 1.96
CA LEU A 90 -26.34 29.59 2.34
C LEU A 90 -25.63 28.59 1.44
N VAL A 91 -25.44 27.37 1.95
CA VAL A 91 -24.81 26.33 1.15
C VAL A 91 -25.68 25.09 1.17
N GLN A 92 -25.88 24.50 -0.01
CA GLN A 92 -26.68 23.29 -0.15
C GLN A 92 -25.76 22.10 -0.26
N VAL A 93 -25.99 21.07 0.55
CA VAL A 93 -25.14 19.88 0.52
C VAL A 93 -25.93 18.69 -0.02
N PHE A 94 -25.32 17.91 -0.90
CA PHE A 94 -25.97 16.74 -1.48
C PHE A 94 -25.10 15.49 -1.36
N LEU A 95 -25.73 14.36 -1.04
CA LEU A 95 -25.01 13.10 -0.97
C LEU A 95 -25.53 12.27 -2.15
N THR A 96 -24.63 11.85 -3.05
CA THR A 96 -25.00 11.06 -4.23
C THR A 96 -23.93 10.01 -4.43
N ASN A 97 -24.30 8.88 -5.02
CA ASN A 97 -23.32 7.83 -5.26
C ASN A 97 -22.52 8.07 -6.54
N SER A 98 -22.97 9.03 -7.33
CA SER A 98 -22.29 9.33 -8.57
C SER A 98 -22.42 10.80 -8.90
N ASN A 99 -21.51 11.26 -9.74
CA ASN A 99 -21.54 12.63 -10.17
C ASN A 99 -22.50 12.88 -11.32
N SER A 100 -22.90 11.82 -12.00
CA SER A 100 -23.86 11.96 -13.09
C SER A 100 -25.14 12.55 -12.53
N THR A 101 -25.77 13.39 -13.34
CA THR A 101 -27.03 14.02 -12.94
C THR A 101 -28.20 13.05 -13.11
N GLU A 102 -27.97 11.93 -13.77
CA GLU A 102 -29.02 10.94 -13.97
C GLU A 102 -29.30 10.21 -12.65
N HIS A 103 -28.47 10.44 -11.64
CA HIS A 103 -28.62 9.81 -10.35
C HIS A 103 -29.28 10.76 -9.37
N PHE A 104 -30.26 10.26 -8.63
CA PHE A 104 -30.95 11.05 -7.62
C PHE A 104 -30.11 11.12 -6.35
N ASP A 105 -30.49 12.00 -5.45
CA ASP A 105 -29.77 12.20 -4.19
C ASP A 105 -30.16 11.24 -3.09
N ALA A 106 -29.15 10.79 -2.35
CA ALA A 106 -29.37 9.90 -1.22
C ALA A 106 -29.82 10.79 -0.06
N CYS A 107 -29.31 12.00 0.02
CA CYS A 107 -29.72 12.88 1.07
C CYS A 107 -29.43 14.30 0.64
N ARG A 108 -29.99 15.25 1.37
CA ARG A 108 -29.85 16.63 1.00
C ARG A 108 -29.98 17.52 2.23
N TRP A 109 -29.14 18.54 2.33
CA TRP A 109 -29.20 19.49 3.45
C TRP A 109 -28.98 20.90 2.92
N THR A 110 -29.37 21.89 3.72
CA THR A 110 -29.17 23.31 3.38
C THR A 110 -28.82 24.00 4.68
N LYS A 111 -27.61 24.55 4.74
CA LYS A 111 -27.14 25.23 5.94
C LYS A 111 -26.93 26.71 5.70
N SER A 112 -27.37 27.53 6.66
CA SER A 112 -27.24 28.97 6.49
C SER A 112 -26.87 29.74 7.74
N GLU A 113 -26.32 29.07 8.75
CA GLU A 113 -25.94 29.77 9.98
C GLU A 113 -24.84 30.77 9.67
N PRO A 114 -24.89 31.95 10.31
CA PRO A 114 -23.87 32.95 10.05
C PRO A 114 -22.48 32.59 10.55
N HIS A 115 -21.48 32.91 9.75
CA HIS A 115 -20.07 32.67 10.09
C HIS A 115 -19.56 31.25 10.13
N SER A 116 -20.32 30.32 10.71
CA SER A 116 -19.89 28.94 10.77
C SER A 116 -20.97 27.96 11.15
N TRP A 117 -20.80 26.74 10.67
CA TRP A 117 -21.72 25.67 10.96
C TRP A 117 -20.96 24.37 10.89
N GLU A 118 -21.64 23.30 11.26
CA GLU A 118 -21.03 21.99 11.32
C GLU A 118 -22.11 21.00 10.92
N LEU A 119 -21.71 19.94 10.24
CA LEU A 119 -22.66 18.94 9.77
C LEU A 119 -22.04 17.57 9.95
N ILE A 120 -22.68 16.70 10.73
CA ILE A 120 -22.14 15.37 10.97
C ILE A 120 -23.14 14.31 10.57
N PHE A 121 -22.71 13.31 9.82
CA PHE A 121 -23.61 12.25 9.40
C PHE A 121 -22.82 11.02 9.01
N PRO A 122 -23.47 9.84 9.07
CA PRO A 122 -22.77 8.61 8.71
C PRO A 122 -23.07 8.18 7.28
N ILE A 123 -22.14 7.45 6.70
CA ILE A 123 -22.35 6.89 5.37
C ILE A 123 -21.99 5.44 5.57
N GLU A 124 -22.49 4.59 4.69
CA GLU A 124 -22.21 3.19 4.81
C GLU A 124 -21.93 2.64 3.44
N VAL A 125 -20.89 1.84 3.32
CA VAL A 125 -20.51 1.24 2.06
C VAL A 125 -21.05 -0.18 1.93
N CYS A 126 -21.89 -0.42 0.93
CA CYS A 126 -22.47 -1.74 0.66
C CYS A 126 -22.20 -2.03 -0.80
N GLY A 127 -21.56 -3.16 -1.06
CA GLY A 127 -21.24 -3.53 -2.43
C GLY A 127 -21.73 -4.90 -2.82
N PRO A 128 -21.56 -5.24 -4.09
CA PRO A 128 -22.02 -6.53 -4.58
C PRO A 128 -21.13 -7.72 -4.29
N ASN A 129 -19.83 -7.51 -4.07
CA ASN A 129 -18.93 -8.63 -3.88
C ASN A 129 -19.31 -9.49 -2.70
N ASN A 130 -19.20 -8.98 -1.51
CA ASN A 130 -19.65 -9.85 -0.45
C ASN A 130 -20.06 -8.82 0.54
N GLY A 131 -20.77 -7.84 0.00
CA GLY A 131 -21.17 -6.69 0.77
C GLY A 131 -20.06 -5.67 0.53
N PHE A 132 -18.97 -6.08 -0.13
CA PHE A 132 -17.83 -5.21 -0.43
C PHE A 132 -18.02 -4.47 -1.75
N GLU A 133 -17.62 -3.21 -1.80
CA GLU A 133 -17.75 -2.41 -3.02
C GLU A 133 -16.43 -1.78 -3.44
N MET A 134 -16.13 -1.86 -4.73
CA MET A 134 -14.91 -1.29 -5.30
C MET A 134 -15.24 0.04 -5.91
N TRP A 135 -14.46 1.05 -5.59
CA TRP A 135 -14.68 2.39 -6.09
C TRP A 135 -14.91 2.49 -7.59
N SER A 136 -16.12 2.92 -7.94
CA SER A 136 -16.53 3.13 -9.33
C SER A 136 -16.16 2.03 -10.30
N SER A 137 -16.11 0.78 -9.84
CA SER A 137 -15.72 -0.28 -10.73
C SER A 137 -16.75 -0.51 -11.81
N GLU A 138 -16.25 -0.80 -13.00
CA GLU A 138 -17.14 -1.08 -14.10
C GLU A 138 -17.80 -2.42 -13.83
N TRP A 139 -17.20 -3.23 -12.96
CA TRP A 139 -17.68 -4.55 -12.63
C TRP A 139 -19.18 -4.62 -12.40
N ALA A 140 -19.71 -4.57 -11.20
CA ALA A 140 -21.16 -4.71 -11.21
C ALA A 140 -21.80 -3.35 -11.40
N ASN A 141 -21.09 -2.48 -12.12
CA ASN A 141 -21.52 -1.10 -12.31
C ASN A 141 -21.61 -0.49 -10.94
N GLN A 142 -20.49 -0.63 -10.23
CA GLN A 142 -20.33 -0.14 -8.88
C GLN A 142 -20.19 1.35 -8.84
N THR A 143 -20.19 1.90 -7.64
CA THR A 143 -20.25 3.32 -7.49
C THR A 143 -19.37 3.90 -6.35
N SER A 144 -19.70 5.07 -5.82
CA SER A 144 -18.91 5.66 -4.73
C SER A 144 -19.87 6.51 -3.91
N TRP A 145 -19.34 7.46 -3.14
CA TRP A 145 -20.17 8.39 -2.39
C TRP A 145 -19.50 9.75 -2.57
N HIS A 146 -20.26 10.69 -3.14
CA HIS A 146 -19.82 12.06 -3.41
C HIS A 146 -20.61 13.03 -2.57
N LEU A 147 -19.92 14.00 -1.99
CA LEU A 147 -20.57 15.03 -1.19
C LEU A 147 -20.40 16.31 -2.01
N SER A 148 -21.50 16.85 -2.51
CA SER A 148 -21.49 18.05 -3.34
C SER A 148 -22.04 19.28 -2.65
N PHE A 149 -21.42 20.42 -2.94
CA PHE A 149 -21.81 21.69 -2.33
C PHE A 149 -22.11 22.75 -3.37
N LEU A 150 -23.20 23.47 -3.19
CA LEU A 150 -23.56 24.58 -4.06
C LEU A 150 -23.48 25.75 -3.07
N VAL A 151 -22.43 26.54 -3.19
CA VAL A 151 -22.22 27.65 -2.28
C VAL A 151 -22.76 28.95 -2.82
N ASP A 152 -23.84 29.43 -2.22
CA ASP A 152 -24.45 30.68 -2.64
C ASP A 152 -23.77 31.80 -1.86
N ASN A 153 -23.01 32.63 -2.58
CA ASN A 153 -22.26 33.76 -2.01
C ASN A 153 -20.98 33.26 -1.33
N PRO A 154 -20.01 32.79 -2.13
CA PRO A 154 -18.70 32.24 -1.79
C PRO A 154 -17.83 33.19 -0.99
N LYS A 155 -18.21 34.45 -0.88
CA LYS A 155 -17.41 35.40 -0.15
C LYS A 155 -17.71 35.44 1.34
N GLN A 156 -18.84 34.87 1.72
CA GLN A 156 -19.21 34.80 3.12
C GLN A 156 -18.93 33.37 3.63
N SER A 157 -19.48 32.37 2.96
CA SER A 157 -19.25 30.97 3.29
C SER A 157 -17.99 30.60 2.52
N THR A 158 -16.85 30.98 3.06
CA THR A 158 -15.58 30.76 2.38
C THR A 158 -14.80 29.47 2.52
N THR A 159 -14.84 28.84 3.69
CA THR A 159 -14.03 27.64 3.89
C THR A 159 -14.76 26.39 4.33
N PHE A 160 -14.30 25.24 3.83
CA PHE A 160 -14.88 23.95 4.16
C PHE A 160 -13.85 22.89 4.51
N ASP A 161 -14.02 22.28 5.66
CA ASP A 161 -13.15 21.20 6.12
C ASP A 161 -13.96 19.92 6.23
N VAL A 162 -13.41 18.83 5.71
CA VAL A 162 -14.09 17.54 5.75
C VAL A 162 -13.25 16.55 6.58
N LEU A 163 -13.85 15.99 7.62
CA LEU A 163 -13.19 15.02 8.47
C LEU A 163 -13.95 13.69 8.40
N LEU A 164 -13.23 12.58 8.45
CA LEU A 164 -13.85 11.27 8.41
C LEU A 164 -13.50 10.51 9.67
N GLY A 165 -14.43 9.72 10.14
CA GLY A 165 -14.19 8.93 11.32
C GLY A 165 -14.45 7.50 10.95
N ILE A 166 -13.52 6.60 11.27
CA ILE A 166 -13.72 5.21 10.92
C ILE A 166 -14.56 4.49 11.99
N SER A 167 -15.38 3.58 11.52
CA SER A 167 -16.26 2.82 12.37
C SER A 167 -15.64 1.50 12.82
N GLN A 168 -16.17 0.97 13.91
CA GLN A 168 -15.71 -0.28 14.50
C GLN A 168 -15.88 -1.47 13.52
N ASN A 169 -16.80 -1.34 12.58
CA ASN A 169 -17.07 -2.39 11.60
C ASN A 169 -16.50 -2.18 10.19
N PHE A 170 -15.78 -1.09 9.95
CA PHE A 170 -15.22 -0.85 8.62
C PHE A 170 -14.23 -1.97 8.32
N GLU A 171 -14.37 -2.54 7.14
CA GLU A 171 -13.56 -3.66 6.71
C GLU A 171 -13.19 -3.52 5.23
N ILE A 172 -11.96 -3.84 4.89
CA ILE A 172 -11.45 -3.72 3.53
C ILE A 172 -10.73 -4.98 3.06
N ALA A 173 -10.44 -5.07 1.78
CA ALA A 173 -9.73 -6.23 1.26
C ALA A 173 -9.06 -5.84 -0.05
N GLY A 174 -7.85 -6.35 -0.26
CA GLY A 174 -7.14 -6.04 -1.50
C GLY A 174 -6.49 -4.68 -1.52
N ASN A 175 -5.53 -4.50 -2.42
CA ASN A 175 -4.79 -3.25 -2.55
C ASN A 175 -4.90 -2.62 -3.94
N THR A 176 -5.13 -1.31 -4.01
CA THR A 176 -5.20 -0.60 -5.29
C THR A 176 -3.86 0.12 -5.49
N LEU A 177 -3.16 -0.19 -6.57
CA LEU A 177 -1.88 0.45 -6.85
C LEU A 177 -2.11 1.92 -7.18
N MET A 178 -1.47 2.79 -6.44
CA MET A 178 -1.62 4.22 -6.63
C MET A 178 -0.27 4.86 -6.81
N PRO A 179 -0.26 6.02 -7.46
CA PRO A 179 1.00 6.75 -7.65
C PRO A 179 1.32 7.44 -6.29
N ALA A 180 2.54 7.92 -6.09
CA ALA A 180 2.89 8.53 -4.82
C ALA A 180 2.02 9.72 -4.44
N PHE A 181 1.74 9.87 -3.15
CA PHE A 181 0.92 10.98 -2.70
C PHE A 181 1.84 12.15 -2.38
N SER A 182 1.53 13.32 -2.92
CA SER A 182 2.36 14.49 -2.70
C SER A 182 2.27 15.06 -1.30
N VAL A 183 3.44 15.30 -0.73
CA VAL A 183 3.53 15.86 0.59
C VAL A 183 3.89 17.33 0.38
N PRO A 184 3.02 18.25 0.86
CA PRO A 184 3.27 19.69 0.73
C PRO A 184 4.59 19.89 1.48
N GLN A 185 5.59 20.36 0.74
CA GLN A 185 7.02 20.54 1.17
C GLN A 185 7.74 19.11 1.14
N MET B 1 -2.68 -31.41 -13.51
CA MET B 1 -2.06 -30.09 -13.95
C MET B 1 -2.38 -29.85 -15.46
N LEU B 2 -1.62 -30.46 -16.39
CA LEU B 2 -1.79 -30.34 -17.86
C LEU B 2 -3.20 -29.90 -18.34
N ASP B 3 -4.21 -30.64 -17.87
CA ASP B 3 -5.62 -30.36 -18.18
C ASP B 3 -6.11 -29.03 -17.60
N LEU B 4 -5.59 -28.66 -16.40
CA LEU B 4 -5.91 -27.40 -15.70
C LEU B 4 -5.02 -26.23 -16.04
N LYS B 5 -4.23 -26.42 -17.09
CA LYS B 5 -3.34 -25.40 -17.56
C LYS B 5 -4.17 -24.45 -18.39
N ILE B 6 -4.03 -23.15 -18.14
CA ILE B 6 -4.81 -22.17 -18.89
C ILE B 6 -4.03 -21.21 -19.77
N SER B 7 -2.74 -21.01 -19.51
CA SER B 7 -1.98 -20.06 -20.29
C SER B 7 -0.49 -20.18 -20.07
N GLN B 8 0.29 -19.47 -20.86
CA GLN B 8 1.74 -19.48 -20.72
C GLN B 8 2.31 -18.17 -21.22
N SER B 9 3.05 -17.47 -20.36
CA SER B 9 3.67 -16.20 -20.72
C SER B 9 5.18 -16.37 -20.78
N LYS B 10 5.85 -15.63 -21.66
CA LYS B 10 7.30 -15.67 -21.73
C LYS B 10 7.75 -14.26 -21.51
N ILE B 11 8.43 -14.04 -20.39
CA ILE B 11 8.93 -12.72 -20.01
C ILE B 11 10.38 -12.60 -20.44
N ALA B 12 10.73 -11.49 -21.06
CA ALA B 12 12.10 -11.26 -21.51
C ALA B 12 12.97 -10.69 -20.41
N LEU B 13 14.19 -11.20 -20.29
CA LEU B 13 15.11 -10.72 -19.27
C LEU B 13 16.44 -10.39 -19.96
N PRO B 14 16.60 -9.16 -20.44
CA PRO B 14 17.82 -8.71 -21.13
C PRO B 14 19.05 -8.87 -20.26
N LYS B 15 20.16 -9.24 -20.89
CA LYS B 15 21.41 -9.45 -20.19
C LYS B 15 21.91 -8.20 -19.50
N ASN B 16 21.31 -7.07 -19.82
CA ASN B 16 21.72 -5.82 -19.21
C ASN B 16 20.65 -5.22 -18.27
N THR B 17 19.67 -6.03 -17.86
CA THR B 17 18.63 -5.53 -16.96
C THR B 17 19.26 -4.98 -15.67
N VAL B 18 18.64 -3.93 -15.12
CA VAL B 18 19.23 -3.28 -13.96
C VAL B 18 18.62 -3.31 -12.58
N GLY B 19 17.33 -3.38 -12.44
CA GLY B 19 16.86 -3.37 -11.07
C GLY B 19 16.05 -2.12 -10.97
N GLY B 20 14.77 -2.32 -10.65
CA GLY B 20 13.83 -1.23 -10.63
C GLY B 20 13.23 -1.32 -12.02
N THR B 21 13.78 -2.19 -12.86
CA THR B 21 13.33 -2.39 -14.23
C THR B 21 12.05 -3.21 -14.25
N ILE B 22 11.04 -2.73 -14.96
CA ILE B 22 9.80 -3.46 -15.06
C ILE B 22 9.89 -4.42 -16.24
N LEU B 23 9.85 -5.72 -15.97
CA LEU B 23 9.94 -6.69 -17.04
C LEU B 23 8.61 -6.71 -17.79
N ARG B 24 7.50 -6.67 -17.05
CA ARG B 24 6.18 -6.65 -17.64
C ARG B 24 5.18 -6.25 -16.60
N SER B 25 4.28 -5.36 -16.97
CA SER B 25 3.29 -4.87 -16.04
C SER B 25 2.01 -4.86 -16.87
N ASP B 26 1.02 -5.67 -16.50
CA ASP B 26 -0.19 -5.75 -17.31
C ASP B 26 -1.35 -6.18 -16.43
N LEU B 27 -2.49 -6.36 -17.07
CA LEU B 27 -3.70 -6.80 -16.46
C LEU B 27 -3.50 -8.30 -16.28
N LEU B 28 -3.85 -8.84 -15.12
CA LEU B 28 -3.66 -10.27 -14.94
C LEU B 28 -4.41 -11.02 -16.04
N ALA B 29 -5.59 -10.53 -16.38
CA ALA B 29 -6.42 -11.15 -17.41
C ALA B 29 -5.65 -11.36 -18.69
N ASN B 30 -4.66 -10.49 -18.97
CA ASN B 30 -3.90 -10.64 -20.19
C ASN B 30 -2.82 -11.70 -20.10
N PHE B 31 -2.28 -11.94 -18.92
CA PHE B 31 -1.29 -12.97 -18.78
C PHE B 31 -2.01 -14.32 -18.89
N LEU B 32 -3.25 -14.36 -18.39
CA LEU B 32 -4.07 -15.58 -18.35
C LEU B 32 -4.73 -15.92 -19.67
N THR B 33 -4.42 -15.14 -20.67
CA THR B 33 -5.07 -15.31 -21.95
C THR B 33 -4.12 -15.58 -23.12
N GLU B 34 -2.89 -15.98 -22.80
CA GLU B 34 -1.88 -16.24 -23.81
C GLU B 34 -1.74 -17.72 -24.16
N GLY B 35 -2.15 -18.07 -25.38
CA GLY B 35 -2.04 -19.45 -25.77
C GLY B 35 -3.28 -20.24 -25.50
N ASN B 36 -3.47 -21.30 -26.29
CA ASN B 36 -4.63 -22.14 -26.15
C ASN B 36 -4.30 -23.48 -25.52
N PHE B 37 -4.46 -23.58 -24.21
CA PHE B 37 -4.17 -24.82 -23.51
C PHE B 37 -5.44 -25.55 -23.09
N ARG B 38 -5.30 -26.69 -22.42
CA ARG B 38 -6.47 -27.49 -22.06
C ARG B 38 -7.65 -26.82 -21.41
N ALA B 39 -7.40 -26.04 -20.36
CA ALA B 39 -8.49 -25.36 -19.65
C ALA B 39 -8.78 -23.94 -20.13
N SER B 40 -8.21 -23.52 -21.25
CA SER B 40 -8.41 -22.19 -21.77
C SER B 40 -9.84 -21.75 -22.07
N VAL B 41 -10.63 -22.50 -22.85
CA VAL B 41 -12.00 -22.02 -23.09
C VAL B 41 -12.85 -22.18 -21.85
N ASP B 42 -12.43 -23.05 -20.94
CA ASP B 42 -13.16 -23.19 -19.70
C ASP B 42 -12.99 -21.89 -18.92
N LEU B 43 -11.77 -21.38 -18.87
CA LEU B 43 -11.48 -20.13 -18.17
C LEU B 43 -12.37 -19.02 -18.72
N GLN B 44 -12.68 -19.12 -19.99
CA GLN B 44 -13.48 -18.10 -20.64
C GLN B 44 -14.96 -18.31 -20.70
N ARG B 45 -15.41 -19.54 -20.51
CA ARG B 45 -16.80 -19.81 -20.59
C ARG B 45 -17.40 -20.29 -19.30
N THR B 46 -16.76 -19.93 -18.20
CA THR B 46 -17.24 -20.33 -16.89
C THR B 46 -17.46 -19.11 -16.00
N HIS B 47 -18.66 -18.97 -15.46
CA HIS B 47 -18.99 -17.81 -14.66
C HIS B 47 -18.39 -17.67 -13.27
N ARG B 48 -18.03 -18.78 -12.63
CA ARG B 48 -17.41 -18.77 -11.29
C ARG B 48 -16.33 -19.83 -11.24
N ILE B 49 -15.16 -19.51 -10.69
CA ILE B 49 -14.07 -20.47 -10.56
C ILE B 49 -13.63 -20.42 -9.10
N LYS B 50 -13.57 -21.57 -8.42
CA LYS B 50 -13.20 -21.61 -7.00
C LYS B 50 -11.74 -21.96 -6.74
N GLY B 51 -11.07 -22.55 -7.72
CA GLY B 51 -9.69 -22.90 -7.53
C GLY B 51 -8.83 -21.67 -7.58
N MET B 52 -7.72 -21.68 -6.85
CA MET B 52 -6.83 -20.54 -6.86
C MET B 52 -6.06 -20.52 -8.16
N ILE B 53 -5.44 -19.38 -8.48
CA ILE B 53 -4.63 -19.30 -9.68
C ILE B 53 -3.23 -19.72 -9.25
N LYS B 54 -2.64 -20.66 -9.98
CA LYS B 54 -1.29 -21.11 -9.66
C LYS B 54 -0.37 -20.83 -10.83
N MET B 55 0.83 -20.36 -10.55
CA MET B 55 1.76 -20.08 -11.61
C MET B 55 3.07 -20.76 -11.31
N VAL B 56 3.78 -21.18 -12.34
CA VAL B 56 5.08 -21.82 -12.17
C VAL B 56 6.05 -21.14 -13.12
N ALA B 57 7.03 -20.43 -12.56
CA ALA B 57 8.01 -19.72 -13.36
C ALA B 57 9.33 -20.46 -13.38
N THR B 58 9.93 -20.63 -14.54
CA THR B 58 11.20 -21.31 -14.59
C THR B 58 12.24 -20.54 -15.39
N VAL B 59 13.47 -20.65 -14.91
CA VAL B 59 14.66 -20.09 -15.53
C VAL B 59 15.79 -20.39 -14.59
N GLY B 60 16.86 -20.93 -15.13
CA GLY B 60 18.02 -21.23 -14.32
C GLY B 60 19.23 -20.47 -14.82
N ILE B 61 20.09 -20.02 -13.91
CA ILE B 61 21.30 -19.28 -14.26
C ILE B 61 22.41 -19.86 -13.40
N PRO B 62 23.67 -19.79 -13.86
CA PRO B 62 24.79 -20.34 -13.07
C PRO B 62 25.01 -19.65 -11.73
N GLU B 63 25.71 -20.32 -10.81
CA GLU B 63 25.95 -19.79 -9.47
C GLU B 63 26.85 -18.59 -9.37
N ASN B 64 27.59 -18.30 -10.43
CA ASN B 64 28.50 -17.16 -10.40
C ASN B 64 27.86 -15.85 -10.88
N THR B 65 26.53 -15.83 -10.87
CA THR B 65 25.77 -14.65 -11.22
C THR B 65 24.52 -14.71 -10.32
N GLY B 66 23.67 -13.69 -10.39
CA GLY B 66 22.49 -13.67 -9.57
C GLY B 66 21.67 -12.51 -10.04
N ILE B 67 20.39 -12.51 -9.68
CA ILE B 67 19.45 -11.46 -10.04
C ILE B 67 18.23 -11.75 -9.20
N ALA B 68 17.55 -10.71 -8.76
CA ALA B 68 16.35 -10.88 -7.95
C ALA B 68 15.15 -10.39 -8.71
N LEU B 69 14.19 -11.28 -8.95
CA LEU B 69 12.95 -10.98 -9.66
C LEU B 69 11.79 -11.00 -8.68
N ALA B 70 10.74 -10.24 -8.96
CA ALA B 70 9.59 -10.24 -8.09
C ALA B 70 8.37 -10.26 -8.97
N CYS B 71 7.43 -11.11 -8.63
CA CYS B 71 6.21 -11.23 -9.39
C CYS B 71 5.08 -10.88 -8.41
N ALA B 72 4.43 -9.73 -8.63
CA ALA B 72 3.38 -9.23 -7.72
C ALA B 72 1.97 -9.04 -8.25
N MET B 73 1.01 -9.48 -7.46
CA MET B 73 -0.42 -9.41 -7.75
C MET B 73 -1.15 -8.38 -6.89
N ASN B 74 -1.93 -7.49 -7.50
CA ASN B 74 -2.70 -6.47 -6.77
C ASN B 74 -4.12 -6.34 -7.31
N SER B 75 -5.09 -6.16 -6.43
CA SER B 75 -6.50 -6.07 -6.83
C SER B 75 -6.88 -5.09 -7.89
N SER B 76 -6.29 -3.92 -7.87
CA SER B 76 -6.62 -2.91 -8.86
C SER B 76 -5.45 -1.95 -9.01
N ILE B 77 -5.61 -0.95 -9.88
CA ILE B 77 -4.59 0.05 -10.14
C ILE B 77 -5.29 1.29 -10.66
N ARG B 78 -4.81 2.46 -10.24
CA ARG B 78 -5.36 3.74 -10.67
C ARG B 78 -4.23 4.63 -11.13
N GLY B 79 -4.32 5.09 -12.38
CA GLY B 79 -3.32 5.99 -12.93
C GLY B 79 -1.95 5.38 -13.20
N ARG B 80 -0.92 6.23 -13.11
CA ARG B 80 0.45 5.79 -13.34
C ARG B 80 0.99 5.38 -11.98
N ALA B 81 0.46 4.27 -11.48
CA ALA B 81 0.83 3.75 -10.19
C ALA B 81 2.29 3.43 -10.08
N SER B 82 2.77 3.52 -8.84
CA SER B 82 4.14 3.21 -8.50
C SER B 82 4.42 1.71 -8.73
N SER B 83 5.63 1.38 -9.16
CA SER B 83 6.03 -0.01 -9.40
C SER B 83 7.18 -0.43 -8.49
N ASP B 84 7.42 0.39 -7.47
CA ASP B 84 8.47 0.14 -6.51
C ASP B 84 8.17 -1.15 -5.76
N ILE B 85 9.21 -1.93 -5.48
CA ILE B 85 9.01 -3.18 -4.74
C ILE B 85 8.13 -2.98 -3.49
N TYR B 86 8.30 -1.86 -2.79
CA TYR B 86 7.49 -1.59 -1.60
C TYR B 86 5.99 -1.50 -1.88
N THR B 87 5.60 -0.77 -2.91
CA THR B 87 4.18 -0.58 -3.23
C THR B 87 3.50 -1.83 -3.75
N ILE B 88 4.19 -2.56 -4.60
CA ILE B 88 3.61 -3.74 -5.22
C ILE B 88 3.58 -5.05 -4.45
N CYS B 89 4.36 -5.18 -3.38
CA CYS B 89 4.44 -6.47 -2.66
C CYS B 89 3.55 -6.81 -1.47
N SER B 90 2.53 -6.00 -1.18
CA SER B 90 1.67 -6.25 -0.01
C SER B 90 0.55 -7.28 -0.09
N GLN B 91 0.07 -7.58 -1.29
CA GLN B 91 -1.03 -8.52 -1.45
C GLN B 91 -0.54 -9.94 -1.65
N ASP B 92 -0.08 -10.27 -2.85
CA ASP B 92 0.43 -11.61 -3.15
C ASP B 92 1.62 -11.40 -4.04
N CYS B 93 2.82 -11.55 -3.48
CA CYS B 93 4.04 -11.31 -4.26
C CYS B 93 5.18 -12.20 -3.84
N GLU B 94 5.84 -12.82 -4.80
CA GLU B 94 6.96 -13.70 -4.50
C GLU B 94 8.23 -13.14 -5.09
N LEU B 95 9.29 -13.12 -4.30
CA LEU B 95 10.59 -12.60 -4.73
C LEU B 95 11.53 -13.79 -4.84
N TRP B 96 12.23 -13.95 -5.97
CA TRP B 96 13.16 -15.07 -6.10
C TRP B 96 14.44 -14.78 -6.89
N ASN B 97 15.48 -15.55 -6.59
CA ASN B 97 16.80 -15.43 -7.23
C ASN B 97 17.04 -16.72 -8.01
N PRO B 98 16.93 -16.70 -9.35
CA PRO B 98 17.13 -17.89 -10.19
C PRO B 98 18.44 -18.65 -9.97
N ALA B 99 19.43 -18.00 -9.36
CA ALA B 99 20.71 -18.64 -9.11
C ALA B 99 20.55 -19.65 -7.99
N CYS B 100 19.53 -19.46 -7.15
CA CYS B 100 19.25 -20.35 -6.04
C CYS B 100 18.02 -21.20 -6.32
N THR B 101 17.00 -20.58 -6.91
CA THR B 101 15.72 -21.22 -7.21
C THR B 101 15.42 -21.23 -8.71
N LYS B 102 15.52 -22.40 -9.34
CA LYS B 102 15.28 -22.51 -10.78
C LYS B 102 13.84 -22.69 -11.24
N ALA B 103 12.91 -22.78 -10.30
CA ALA B 103 11.50 -22.90 -10.64
C ALA B 103 10.79 -22.37 -9.42
N MET B 104 9.93 -21.38 -9.60
CA MET B 104 9.21 -20.74 -8.51
C MET B 104 7.69 -20.94 -8.69
N THR B 105 6.96 -21.20 -7.60
CA THR B 105 5.50 -21.39 -7.67
C THR B 105 4.78 -20.41 -6.77
N MET B 106 3.52 -20.10 -7.09
CA MET B 106 2.74 -19.16 -6.31
C MET B 106 1.28 -19.41 -6.65
N SER B 107 0.43 -19.46 -5.63
CA SER B 107 -1.01 -19.65 -5.82
C SER B 107 -1.67 -18.52 -5.09
N PHE B 108 -2.72 -17.93 -5.65
CA PHE B 108 -3.37 -16.83 -4.98
C PHE B 108 -4.85 -16.74 -5.31
N ASN B 109 -5.57 -16.03 -4.47
CA ASN B 109 -7.00 -15.82 -4.66
C ASN B 109 -7.12 -14.37 -5.13
N PRO B 110 -7.56 -14.17 -6.38
CA PRO B 110 -7.74 -12.85 -7.00
C PRO B 110 -8.88 -12.06 -6.37
N ASN B 111 -9.74 -12.73 -5.61
CA ASN B 111 -10.89 -12.06 -4.99
C ASN B 111 -10.83 -12.26 -3.48
N PRO B 112 -10.04 -11.44 -2.76
CA PRO B 112 -9.90 -11.55 -1.31
C PRO B 112 -11.19 -11.42 -0.50
N CYS B 113 -12.24 -10.90 -1.10
CA CYS B 113 -13.50 -10.75 -0.37
C CYS B 113 -14.29 -12.02 -0.28
N SER B 114 -14.03 -12.95 -1.18
CA SER B 114 -14.81 -14.16 -1.24
C SER B 114 -14.00 -15.41 -1.60
N ASP B 115 -14.65 -16.38 -2.20
CA ASP B 115 -14.02 -17.64 -2.56
C ASP B 115 -14.13 -18.06 -4.03
N ALA B 116 -14.38 -17.12 -4.92
CA ALA B 116 -14.47 -17.44 -6.33
C ALA B 116 -14.12 -16.22 -7.16
N TRP B 117 -13.69 -16.46 -8.38
CA TRP B 117 -13.34 -15.37 -9.29
C TRP B 117 -13.88 -15.74 -10.67
N SER B 118 -13.72 -14.83 -11.63
CA SER B 118 -14.25 -14.96 -12.99
C SER B 118 -13.15 -14.33 -13.83
N LEU B 119 -13.11 -14.60 -15.13
CA LEU B 119 -12.13 -13.93 -15.99
C LEU B 119 -12.71 -12.52 -16.23
N GLU B 120 -14.02 -12.41 -16.40
CA GLU B 120 -14.69 -11.11 -16.58
C GLU B 120 -14.40 -10.21 -15.40
N PHE B 121 -14.52 -10.79 -14.20
CA PHE B 121 -14.25 -10.08 -12.95
C PHE B 121 -12.83 -9.53 -12.99
N LEU B 122 -11.88 -10.34 -13.44
CA LEU B 122 -10.49 -9.91 -13.52
C LEU B 122 -10.33 -8.73 -14.48
N LYS B 123 -11.04 -8.76 -15.60
CA LYS B 123 -10.94 -7.69 -16.59
C LYS B 123 -11.57 -6.37 -16.17
N ARG B 124 -12.80 -6.44 -15.68
CA ARG B 124 -13.57 -5.26 -15.31
C ARG B 124 -13.20 -4.62 -14.00
N THR B 125 -12.45 -5.38 -13.21
CA THR B 125 -12.02 -4.97 -11.90
C THR B 125 -10.62 -4.33 -11.98
N GLY B 126 -9.84 -4.77 -12.97
CA GLY B 126 -8.51 -4.24 -13.16
C GLY B 126 -7.41 -4.94 -12.39
N PHE B 127 -7.61 -6.22 -12.05
CA PHE B 127 -6.61 -6.96 -11.29
C PHE B 127 -5.31 -6.86 -12.04
N HIS B 128 -4.27 -6.45 -11.31
CA HIS B 128 -2.99 -6.20 -11.90
C HIS B 128 -1.85 -7.15 -11.57
N CYS B 129 -0.88 -7.26 -12.49
CA CYS B 129 0.29 -8.10 -12.30
C CYS B 129 1.55 -7.36 -12.78
N ASP B 130 2.56 -7.25 -11.91
CA ASP B 130 3.84 -6.62 -12.25
C ASP B 130 4.94 -7.61 -12.05
N ILE B 131 5.85 -7.71 -13.01
CA ILE B 131 7.00 -8.59 -12.90
C ILE B 131 8.13 -7.60 -13.04
N ILE B 132 8.87 -7.40 -11.96
CA ILE B 132 9.96 -6.45 -11.99
C ILE B 132 11.23 -7.08 -11.53
N CYS B 133 12.36 -6.47 -11.91
CA CYS B 133 13.67 -6.94 -11.51
C CYS B 133 13.99 -6.05 -10.31
N VAL B 134 14.18 -6.63 -9.13
CA VAL B 134 14.46 -5.86 -7.93
C VAL B 134 15.94 -5.51 -7.80
N THR B 135 16.78 -6.41 -8.27
CA THR B 135 18.24 -6.25 -8.25
C THR B 135 18.71 -6.78 -9.59
N GLY B 136 19.63 -6.07 -10.23
CA GLY B 136 20.13 -6.50 -11.53
C GLY B 136 21.10 -7.66 -11.47
N TRP B 137 21.68 -8.01 -12.62
CA TRP B 137 22.63 -9.12 -12.68
C TRP B 137 23.91 -8.87 -11.87
N THR B 138 24.38 -9.86 -11.12
CA THR B 138 25.63 -9.70 -10.39
C THR B 138 26.74 -9.70 -11.43
N ALA B 139 26.61 -10.59 -12.41
CA ALA B 139 27.53 -10.74 -13.51
C ALA B 139 26.59 -10.94 -14.69
N THR B 140 26.80 -10.25 -15.82
CA THR B 140 25.85 -10.41 -16.93
C THR B 140 26.01 -11.72 -17.69
N PRO B 141 24.90 -12.31 -18.15
CA PRO B 141 24.97 -13.56 -18.90
C PRO B 141 25.58 -13.30 -20.26
N MET B 142 25.86 -14.38 -20.95
CA MET B 142 26.44 -14.35 -22.28
C MET B 142 25.43 -13.77 -23.26
N GLN B 143 24.18 -14.19 -23.11
CA GLN B 143 23.11 -13.80 -23.99
C GLN B 143 21.90 -13.32 -23.22
N ASP B 144 20.85 -12.94 -23.94
CA ASP B 144 19.64 -12.51 -23.29
C ASP B 144 18.92 -13.72 -22.74
N VAL B 145 18.23 -13.54 -21.63
CA VAL B 145 17.52 -14.59 -20.95
C VAL B 145 16.00 -14.46 -21.13
N GLN B 146 15.28 -15.52 -20.78
CA GLN B 146 13.84 -15.52 -20.86
C GLN B 146 13.24 -16.40 -19.76
N VAL B 147 12.20 -15.89 -19.11
CA VAL B 147 11.51 -16.60 -18.04
C VAL B 147 10.17 -17.08 -18.58
N THR B 148 9.87 -18.36 -18.44
CA THR B 148 8.60 -18.89 -18.92
C THR B 148 7.68 -19.15 -17.74
N ILE B 149 6.46 -18.64 -17.79
CA ILE B 149 5.47 -18.83 -16.73
C ILE B 149 4.30 -19.65 -17.21
N ASP B 150 4.03 -20.76 -16.54
CA ASP B 150 2.89 -21.61 -16.87
C ASP B 150 1.82 -21.24 -15.85
N TRP B 151 0.59 -21.05 -16.32
CA TRP B 151 -0.52 -20.68 -15.46
C TRP B 151 -1.54 -21.80 -15.38
N PHE B 152 -2.04 -22.06 -14.18
CA PHE B 152 -3.01 -23.13 -13.96
C PHE B 152 -4.12 -22.70 -13.05
N ILE B 153 -5.24 -23.42 -13.14
CA ILE B 153 -6.33 -23.19 -12.22
C ILE B 153 -6.04 -24.32 -11.25
N SER B 154 -5.80 -23.97 -10.01
CA SER B 154 -5.47 -24.94 -8.98
C SER B 154 -6.69 -25.69 -8.46
N SER B 155 -6.46 -26.81 -7.78
CA SER B 155 -7.55 -27.58 -7.21
C SER B 155 -7.81 -27.10 -5.77
N GLN B 156 -6.90 -26.23 -5.33
CA GLN B 156 -6.93 -25.60 -4.03
C GLN B 156 -8.01 -24.53 -4.07
N GLU B 157 -8.95 -24.58 -3.14
CA GLU B 157 -10.02 -23.60 -3.10
C GLU B 157 -9.52 -22.22 -2.67
N CYS B 158 -10.24 -21.20 -3.11
CA CYS B 158 -9.94 -19.83 -2.77
C CYS B 158 -10.46 -19.54 -1.41
N VAL B 159 -9.67 -18.77 -0.66
CA VAL B 159 -10.04 -18.37 0.68
C VAL B 159 -9.87 -16.85 0.81
N PRO B 160 -10.86 -16.19 1.42
CA PRO B 160 -10.82 -14.75 1.60
C PRO B 160 -9.76 -14.28 2.58
N ARG B 161 -9.36 -13.02 2.39
CA ARG B 161 -8.40 -12.37 3.26
C ARG B 161 -8.84 -10.92 3.36
N THR B 162 -9.58 -10.61 4.40
CA THR B 162 -10.09 -9.27 4.60
C THR B 162 -9.49 -8.71 5.89
N TYR B 163 -9.47 -7.39 5.99
CA TYR B 163 -8.93 -6.70 7.16
C TYR B 163 -9.97 -5.87 7.86
N CYS B 164 -10.22 -6.16 9.13
CA CYS B 164 -11.16 -5.35 9.89
C CYS B 164 -10.26 -4.30 10.56
N VAL B 165 -10.29 -3.07 10.05
CA VAL B 165 -9.41 -2.03 10.53
C VAL B 165 -9.22 -1.86 12.05
N LEU B 166 -10.32 -1.73 12.79
CA LEU B 166 -10.21 -1.57 14.23
C LEU B 166 -10.26 -2.86 15.03
N ASN B 167 -9.97 -3.97 14.37
CA ASN B 167 -10.00 -5.30 14.97
C ASN B 167 -9.11 -6.25 14.22
N PRO B 168 -7.79 -6.00 14.27
CA PRO B 168 -6.81 -6.85 13.58
C PRO B 168 -6.93 -8.31 13.96
N GLN B 169 -6.60 -9.17 13.01
CA GLN B 169 -6.61 -10.59 13.23
C GLN B 169 -5.23 -10.99 13.75
N ASN B 170 -5.09 -12.24 14.14
CA ASN B 170 -3.80 -12.72 14.61
C ASN B 170 -3.57 -14.00 13.83
N PRO B 171 -2.50 -14.06 13.03
CA PRO B 171 -1.54 -12.97 12.83
C PRO B 171 -2.02 -11.89 11.89
N PHE B 172 -1.37 -10.74 11.97
CA PHE B 172 -1.71 -9.64 11.11
C PHE B 172 -0.75 -9.76 9.93
N VAL B 173 -1.30 -9.86 8.72
CA VAL B 173 -0.44 -9.97 7.54
C VAL B 173 -0.10 -8.56 7.04
N LEU B 174 1.16 -8.19 7.17
CA LEU B 174 1.60 -6.86 6.77
C LEU B 174 2.30 -6.77 5.43
N ASN B 175 3.26 -7.64 5.19
CA ASN B 175 4.01 -7.67 3.95
C ASN B 175 4.63 -6.32 3.61
N ARG B 176 5.33 -5.73 4.55
CA ARG B 176 5.94 -4.44 4.30
C ARG B 176 7.41 -4.59 3.99
N TRP B 177 7.85 -3.98 2.89
CA TRP B 177 9.23 -4.00 2.48
C TRP B 177 9.98 -3.07 3.43
N MET B 178 11.05 -3.57 4.05
CA MET B 178 11.83 -2.78 4.98
C MET B 178 13.03 -2.13 4.31
N GLY B 179 13.36 -2.62 3.13
CA GLY B 179 14.47 -2.05 2.42
C GLY B 179 15.35 -3.09 1.79
N LYS B 180 16.24 -2.61 0.95
CA LYS B 180 17.19 -3.42 0.24
C LYS B 180 18.52 -3.00 0.83
N LEU B 181 19.18 -3.92 1.52
CA LEU B 181 20.45 -3.63 2.20
C LEU B 181 21.67 -4.07 1.41
N THR B 182 22.63 -3.19 1.22
CA THR B 182 23.84 -3.55 0.49
C THR B 182 25.09 -3.45 1.37
N PHE B 183 25.91 -4.49 1.35
CA PHE B 183 27.11 -4.56 2.15
C PHE B 183 28.26 -4.73 1.19
N PRO B 184 28.97 -3.65 0.89
CA PRO B 184 30.09 -3.70 -0.04
C PRO B 184 31.23 -4.57 0.49
N GLN B 185 31.94 -5.21 -0.44
CA GLN B 185 33.04 -6.11 -0.10
C GLN B 185 34.10 -5.39 0.69
N GLY B 186 34.57 -6.03 1.75
CA GLY B 186 35.59 -5.45 2.60
C GLY B 186 35.37 -5.85 4.04
N THR B 187 36.14 -5.26 4.94
CA THR B 187 36.02 -5.59 6.35
C THR B 187 35.17 -4.60 7.09
N SER B 188 34.32 -3.88 6.37
CA SER B 188 33.49 -2.90 7.02
C SER B 188 32.26 -3.50 7.67
N ARG B 189 31.88 -2.88 8.78
CA ARG B 189 30.72 -3.26 9.57
C ARG B 189 29.43 -2.90 8.82
N SER B 190 29.46 -1.80 8.09
CA SER B 190 28.31 -1.34 7.33
C SER B 190 27.00 -1.44 8.11
N VAL B 191 26.97 -0.83 9.30
CA VAL B 191 25.77 -0.87 10.16
C VAL B 191 24.55 -0.30 9.45
N LYS B 192 23.45 -1.05 9.50
CA LYS B 192 22.16 -0.70 8.90
C LYS B 192 21.15 -0.54 10.02
N ARG B 193 20.28 0.44 9.91
CA ARG B 193 19.27 0.72 10.92
C ARG B 193 17.89 0.88 10.28
N MET B 194 16.99 -0.07 10.47
CA MET B 194 15.65 0.02 9.89
C MET B 194 14.69 0.33 11.01
N PRO B 195 14.07 1.50 10.98
CA PRO B 195 13.14 1.85 12.05
C PRO B 195 11.86 1.01 12.12
N LEU B 196 11.40 0.75 13.33
CA LEU B 196 10.20 -0.04 13.51
C LEU B 196 8.92 0.78 13.62
N SER B 197 9.03 2.09 13.43
CA SER B 197 7.87 2.97 13.41
C SER B 197 7.51 3.01 11.93
N ILE B 198 6.97 1.88 11.47
CA ILE B 198 6.62 1.65 10.08
C ILE B 198 5.32 2.26 9.57
N GLY B 199 4.65 3.06 10.38
CA GLY B 199 3.41 3.66 9.93
C GLY B 199 3.66 4.80 8.96
N GLY B 200 2.62 5.24 8.26
CA GLY B 200 2.77 6.35 7.33
C GLY B 200 3.30 6.09 5.93
N GLY B 201 3.57 4.83 5.60
CA GLY B 201 4.07 4.47 4.29
C GLY B 201 5.57 4.58 4.12
N ALA B 202 6.02 4.56 2.88
CA ALA B 202 7.43 4.67 2.57
C ALA B 202 7.69 6.04 2.01
N GLY B 203 8.82 6.61 2.39
CA GLY B 203 9.15 7.92 1.89
C GLY B 203 9.58 7.88 0.45
N ALA B 204 9.25 8.96 -0.23
CA ALA B 204 9.60 9.19 -1.62
C ALA B 204 10.01 10.68 -1.63
N LYS B 205 10.29 11.25 -2.79
CA LYS B 205 10.68 12.67 -2.82
C LYS B 205 9.43 13.57 -2.78
N SER B 206 9.21 14.24 -1.63
CA SER B 206 8.05 15.14 -1.43
C SER B 206 6.77 14.34 -1.70
N ALA B 207 6.82 13.07 -1.32
CA ALA B 207 5.69 12.19 -1.54
C ALA B 207 5.84 11.00 -0.64
N ILE B 208 4.78 10.19 -0.60
CA ILE B 208 4.78 8.96 0.17
C ILE B 208 4.16 7.90 -0.71
N LEU B 209 4.69 6.69 -0.57
CA LEU B 209 4.23 5.51 -1.25
C LEU B 209 3.34 4.81 -0.22
N MET B 210 2.27 4.17 -0.65
CA MET B 210 1.38 3.52 0.32
C MET B 210 0.75 2.24 -0.21
N ASN B 211 0.57 1.25 0.65
CA ASN B 211 -0.11 0.01 0.30
C ASN B 211 -1.10 -0.26 1.38
N MET B 212 -2.16 -1.01 1.08
CA MET B 212 -3.21 -1.26 2.05
C MET B 212 -2.86 -1.79 3.43
N PRO B 213 -2.21 -2.95 3.54
CA PRO B 213 -1.92 -3.38 4.91
C PRO B 213 -1.10 -2.41 5.76
N ASN B 214 -0.20 -1.64 5.14
CA ASN B 214 0.60 -0.65 5.87
C ASN B 214 -0.30 0.51 6.28
N ALA B 215 -1.33 0.77 5.47
CA ALA B 215 -2.28 1.84 5.74
C ALA B 215 -3.17 1.50 6.93
N VAL B 216 -3.50 0.23 7.13
CA VAL B 216 -4.33 -0.11 8.27
C VAL B 216 -3.53 -0.02 9.55
N LEU B 217 -2.27 -0.42 9.54
CA LEU B 217 -1.45 -0.30 10.73
C LEU B 217 -1.30 1.19 11.10
N SER B 218 -1.21 2.07 10.11
CA SER B 218 -1.06 3.50 10.36
C SER B 218 -2.28 4.11 11.05
N MET B 219 -3.38 3.38 11.10
CA MET B 219 -4.58 3.87 11.75
C MET B 219 -4.46 3.88 13.26
N TRP B 220 -3.60 3.03 13.81
CA TRP B 220 -3.42 2.90 15.26
C TRP B 220 -2.29 3.78 15.73
N ARG B 221 -2.34 4.17 17.00
CA ARG B 221 -1.36 5.06 17.62
C ARG B 221 -0.08 4.37 18.12
N TYR B 222 -0.20 3.25 18.84
CA TYR B 222 0.95 2.51 19.36
C TYR B 222 0.76 1.04 19.07
N PHE B 223 1.84 0.28 18.96
CA PHE B 223 1.71 -1.16 18.70
C PHE B 223 2.94 -1.98 19.12
N VAL B 224 2.75 -3.29 19.28
CA VAL B 224 3.80 -4.26 19.63
C VAL B 224 3.34 -5.58 19.08
N GLY B 225 4.28 -6.52 18.95
CA GLY B 225 3.92 -7.82 18.47
C GLY B 225 5.17 -8.58 18.20
N ASP B 226 5.03 -9.87 17.88
CA ASP B 226 6.18 -10.68 17.53
C ASP B 226 6.34 -10.37 16.05
N LEU B 227 7.49 -9.85 15.66
CA LEU B 227 7.71 -9.48 14.28
C LEU B 227 8.42 -10.58 13.51
N VAL B 228 7.89 -10.95 12.35
CA VAL B 228 8.50 -11.98 11.52
C VAL B 228 9.05 -11.36 10.25
N PHE B 229 10.34 -11.51 10.03
CA PHE B 229 11.01 -10.95 8.87
C PHE B 229 11.49 -12.03 7.94
N GLU B 230 11.40 -11.77 6.66
CA GLU B 230 11.84 -12.71 5.66
C GLU B 230 13.00 -12.05 4.93
N VAL B 231 14.20 -12.59 5.10
CA VAL B 231 15.42 -12.09 4.50
C VAL B 231 15.81 -12.86 3.23
N SER B 232 15.99 -12.16 2.11
CA SER B 232 16.33 -12.81 0.85
C SER B 232 17.68 -12.40 0.27
N LYS B 233 18.44 -13.38 -0.21
CA LYS B 233 19.74 -13.17 -0.85
C LYS B 233 19.44 -12.74 -2.30
N MET B 234 19.73 -11.48 -2.64
CA MET B 234 19.45 -10.95 -3.97
C MET B 234 20.66 -10.80 -4.86
N THR B 235 21.74 -11.45 -4.48
CA THR B 235 22.98 -11.35 -5.21
C THR B 235 23.49 -12.77 -5.52
N SER B 236 24.59 -12.88 -6.26
CA SER B 236 25.12 -14.20 -6.60
C SER B 236 25.59 -14.99 -5.39
N PRO B 237 25.43 -16.33 -5.41
CA PRO B 237 25.88 -17.10 -4.25
C PRO B 237 27.40 -17.05 -4.03
N TYR B 238 28.13 -16.40 -4.93
CA TYR B 238 29.59 -16.25 -4.81
C TYR B 238 30.06 -15.14 -3.90
N ILE B 239 29.18 -14.22 -3.56
CA ILE B 239 29.51 -13.11 -2.67
C ILE B 239 29.01 -13.59 -1.31
N LYS B 240 29.96 -13.91 -0.44
CA LYS B 240 29.70 -14.42 0.90
C LYS B 240 29.74 -13.32 1.96
N CYS B 241 28.91 -13.42 3.00
CA CYS B 241 28.88 -12.44 4.08
C CYS B 241 28.02 -12.96 5.23
N THR B 242 28.49 -12.78 6.47
CA THR B 242 27.73 -13.20 7.64
C THR B 242 27.10 -11.94 8.20
N VAL B 243 25.77 -11.85 8.19
CA VAL B 243 25.08 -10.68 8.69
C VAL B 243 24.53 -10.92 10.09
N SER B 244 24.64 -9.93 10.95
CA SER B 244 24.18 -10.04 12.31
C SER B 244 22.97 -9.15 12.53
N PHE B 245 21.85 -9.69 13.02
CA PHE B 245 20.62 -8.93 13.25
C PHE B 245 20.25 -8.84 14.72
N PHE B 246 19.78 -7.68 15.17
CA PHE B 246 19.38 -7.51 16.57
C PHE B 246 18.49 -6.28 16.72
N ILE B 247 17.84 -6.13 17.87
CA ILE B 247 16.98 -4.98 18.11
C ILE B 247 17.76 -4.05 19.03
N ALA B 248 17.75 -2.74 18.74
CA ALA B 248 18.45 -1.73 19.54
C ALA B 248 17.90 -0.33 19.22
N PHE B 249 18.36 0.71 19.92
CA PHE B 249 17.88 2.06 19.65
C PHE B 249 18.77 2.85 18.70
N GLY B 250 18.21 3.83 18.03
CA GLY B 250 18.94 4.60 17.05
C GLY B 250 20.19 5.31 17.49
N ASN B 251 20.27 5.64 18.77
CA ASN B 251 21.40 6.38 19.28
C ASN B 251 22.73 5.69 19.56
N LEU B 252 22.88 4.41 19.23
CA LEU B 252 24.15 3.72 19.47
C LEU B 252 25.13 3.98 18.34
N ALA B 253 26.41 4.13 18.66
CA ALA B 253 27.41 4.41 17.63
C ALA B 253 27.78 3.18 16.83
N ASP B 254 28.09 3.38 15.54
CA ASP B 254 28.45 2.26 14.65
C ASP B 254 29.54 1.37 15.19
N ASP B 255 30.44 1.96 15.95
CA ASP B 255 31.54 1.23 16.51
C ASP B 255 31.30 0.67 17.92
N THR B 256 30.05 0.61 18.36
CA THR B 256 29.78 0.05 19.67
C THR B 256 30.33 -1.36 19.65
N ILE B 257 31.32 -1.63 20.48
CA ILE B 257 31.93 -2.94 20.49
C ILE B 257 31.04 -4.13 20.79
N ASN B 258 30.31 -4.06 21.88
CA ASN B 258 29.45 -5.15 22.27
C ASN B 258 28.02 -5.05 21.76
N PHE B 259 27.88 -4.82 20.46
CA PHE B 259 26.56 -4.74 19.85
C PHE B 259 25.96 -6.13 20.04
N GLU B 260 26.81 -7.14 19.86
CA GLU B 260 26.39 -8.51 19.97
C GLU B 260 26.27 -9.07 21.38
N ALA B 261 26.13 -8.19 22.37
CA ALA B 261 25.90 -8.60 23.73
C ALA B 261 24.36 -8.60 23.84
N PHE B 262 23.72 -7.94 22.89
CA PHE B 262 22.27 -7.89 22.78
C PHE B 262 21.90 -9.22 22.15
N PRO B 263 20.64 -9.63 22.27
CA PRO B 263 20.21 -10.89 21.66
C PRO B 263 20.25 -10.64 20.13
N HIS B 264 20.92 -11.50 19.38
CA HIS B 264 21.04 -11.29 17.95
C HIS B 264 20.93 -12.59 17.18
N LYS B 265 20.94 -12.50 15.85
CA LYS B 265 20.85 -13.66 14.99
C LYS B 265 21.91 -13.53 13.90
N LEU B 266 22.74 -14.57 13.72
CA LEU B 266 23.76 -14.53 12.68
C LEU B 266 23.23 -15.27 11.45
N VAL B 267 23.34 -14.65 10.29
CA VAL B 267 22.85 -15.27 9.08
C VAL B 267 23.96 -15.48 8.06
N GLN B 268 24.12 -16.72 7.59
CA GLN B 268 25.10 -17.06 6.54
C GLN B 268 24.27 -17.88 5.53
N PHE B 269 24.36 -17.59 4.23
CA PHE B 269 23.58 -18.39 3.31
C PHE B 269 24.41 -19.50 2.66
N GLY B 270 23.78 -20.65 2.43
CA GLY B 270 24.46 -21.73 1.73
C GLY B 270 24.40 -21.38 0.23
N GLU B 271 25.29 -21.92 -0.61
CA GLU B 271 25.29 -21.62 -2.06
C GLU B 271 23.89 -21.43 -2.66
N ILE B 272 23.09 -22.49 -2.56
CA ILE B 272 21.74 -22.54 -3.13
C ILE B 272 20.59 -22.02 -2.26
N GLN B 273 20.91 -21.62 -1.03
CA GLN B 273 19.90 -21.11 -0.13
C GLN B 273 19.69 -19.63 -0.40
N GLU B 274 18.44 -19.20 -0.46
CA GLU B 274 18.17 -17.79 -0.69
C GLU B 274 17.30 -17.08 0.33
N LYS B 275 16.51 -17.81 1.12
CA LYS B 275 15.66 -17.15 2.11
C LYS B 275 15.92 -17.62 3.52
N VAL B 276 15.66 -16.72 4.45
CA VAL B 276 15.84 -16.99 5.87
C VAL B 276 14.72 -16.22 6.54
N VAL B 277 14.08 -16.83 7.53
CA VAL B 277 13.01 -16.14 8.24
C VAL B 277 13.42 -15.87 9.68
N LEU B 278 13.53 -14.60 10.03
CA LEU B 278 13.89 -14.18 11.37
C LEU B 278 12.63 -13.85 12.13
N LYS B 279 12.62 -14.13 13.41
CA LYS B 279 11.45 -13.84 14.21
C LYS B 279 11.90 -13.22 15.54
N PHE B 280 11.47 -11.99 15.78
CA PHE B 280 11.81 -11.28 17.00
C PHE B 280 10.55 -11.20 17.84
N SER B 281 10.57 -11.89 18.97
CA SER B 281 9.39 -11.91 19.83
C SER B 281 9.27 -10.68 20.69
N GLN B 282 8.12 -10.56 21.33
CA GLN B 282 7.84 -9.44 22.21
C GLN B 282 8.77 -9.32 23.40
N GLU B 283 9.52 -10.36 23.72
CA GLU B 283 10.46 -10.26 24.83
C GLU B 283 11.56 -9.24 24.53
N GLU B 284 11.62 -8.80 23.28
CA GLU B 284 12.61 -7.83 22.83
C GLU B 284 12.12 -6.43 23.00
N PHE B 285 10.84 -6.27 23.30
CA PHE B 285 10.27 -4.94 23.43
C PHE B 285 9.64 -4.75 24.79
N LEU B 286 10.07 -3.73 25.52
CA LEU B 286 9.48 -3.48 26.83
C LEU B 286 8.03 -3.01 26.74
N THR B 287 7.74 -2.08 25.83
CA THR B 287 6.39 -1.56 25.64
C THR B 287 6.14 -1.33 24.16
N ALA B 288 4.91 -0.95 23.82
CA ALA B 288 4.51 -0.64 22.45
C ALA B 288 5.22 0.66 22.10
N TRP B 289 5.34 0.94 20.83
CA TRP B 289 6.00 2.17 20.42
C TRP B 289 5.15 2.83 19.38
N SER B 290 5.48 4.07 19.06
CA SER B 290 4.77 4.84 18.08
C SER B 290 4.73 4.18 16.73
N THR B 291 3.56 4.28 16.14
CA THR B 291 3.29 3.74 14.83
C THR B 291 3.97 4.67 13.80
N GLN B 292 4.01 5.96 14.11
CA GLN B 292 4.61 7.01 13.27
C GLN B 292 5.39 7.98 14.14
N VAL B 293 6.52 8.42 13.62
CA VAL B 293 7.39 9.36 14.29
C VAL B 293 7.52 10.43 13.22
N ARG B 294 7.69 11.69 13.58
CA ARG B 294 7.80 12.64 12.51
C ARG B 294 9.17 12.49 11.85
N PRO B 295 9.16 12.30 10.52
CA PRO B 295 10.27 12.07 9.60
C PRO B 295 11.58 12.79 9.90
N ALA B 296 11.49 14.04 10.30
CA ALA B 296 12.66 14.84 10.63
C ALA B 296 13.40 14.36 11.91
N THR B 297 12.77 13.48 12.68
CA THR B 297 13.34 12.96 13.93
C THR B 297 14.73 12.33 13.77
N THR B 298 15.65 12.75 14.63
CA THR B 298 17.02 12.25 14.57
C THR B 298 17.21 10.89 15.25
N LEU B 299 18.30 10.22 14.89
CA LEU B 299 18.65 8.93 15.48
C LEU B 299 18.80 9.08 16.97
N LEU B 300 19.20 10.26 17.40
CA LEU B 300 19.40 10.51 18.80
C LEU B 300 18.14 10.76 19.57
N ALA B 301 17.11 11.27 18.91
CA ALA B 301 15.86 11.56 19.58
C ALA B 301 14.74 10.55 19.35
N ASP B 302 15.05 9.48 18.63
CA ASP B 302 14.07 8.45 18.32
C ASP B 302 13.93 7.55 19.53
N GLY B 303 12.73 7.45 20.08
CA GLY B 303 12.50 6.62 21.24
C GLY B 303 11.88 5.29 20.87
N CYS B 304 11.83 5.01 19.59
CA CYS B 304 11.28 3.74 19.12
C CYS B 304 12.41 2.82 18.71
N PRO B 305 12.23 1.49 18.86
CA PRO B 305 13.26 0.54 18.49
C PRO B 305 13.56 0.45 17.00
N TYR B 306 14.69 -0.16 16.69
CA TYR B 306 15.19 -0.34 15.33
C TYR B 306 15.61 -1.77 15.11
N LEU B 307 15.53 -2.23 13.87
CA LEU B 307 16.02 -3.54 13.51
C LEU B 307 17.41 -3.19 12.95
N TYR B 308 18.47 -3.62 13.61
CA TYR B 308 19.84 -3.37 13.15
C TYR B 308 20.32 -4.55 12.32
N ALA B 309 21.22 -4.29 11.38
CA ALA B 309 21.81 -5.33 10.56
C ALA B 309 23.24 -4.86 10.35
N MET B 310 24.23 -5.72 10.53
CA MET B 310 25.62 -5.32 10.32
C MET B 310 26.44 -6.54 9.91
N VAL B 311 27.64 -6.29 9.38
CA VAL B 311 28.50 -7.38 8.96
C VAL B 311 29.21 -7.92 10.19
N HIS B 312 29.05 -9.23 10.42
CA HIS B 312 29.67 -9.90 11.56
C HIS B 312 31.17 -10.11 11.35
N ASP B 313 31.54 -10.55 10.15
CA ASP B 313 32.95 -10.77 9.82
C ASP B 313 33.41 -9.88 8.65
N SER B 314 33.07 -10.23 7.42
CA SER B 314 33.42 -9.43 6.27
C SER B 314 32.63 -9.89 5.04
N SER B 315 32.55 -9.01 4.04
CA SER B 315 31.86 -9.27 2.79
C SER B 315 32.97 -9.63 1.80
N VAL B 316 33.00 -10.87 1.32
CA VAL B 316 34.09 -11.27 0.45
C VAL B 316 33.70 -12.05 -0.78
N SER B 317 34.42 -11.84 -1.87
CA SER B 317 34.16 -12.57 -3.09
C SER B 317 35.35 -12.47 -4.04
N THR B 318 35.29 -13.24 -5.10
CA THR B 318 36.32 -13.22 -6.11
C THR B 318 35.79 -12.51 -7.36
N ILE B 319 34.53 -12.12 -7.34
CA ILE B 319 33.91 -11.39 -8.45
C ILE B 319 33.44 -10.08 -7.85
N PRO B 320 33.28 -9.05 -8.67
CA PRO B 320 32.83 -7.80 -8.09
C PRO B 320 31.34 -7.74 -7.80
N GLY B 321 30.99 -6.93 -6.82
CA GLY B 321 29.61 -6.75 -6.42
C GLY B 321 29.42 -6.69 -4.92
N ASP B 322 28.41 -5.96 -4.48
CA ASP B 322 28.14 -5.86 -3.06
C ASP B 322 27.27 -7.03 -2.69
N PHE B 323 27.26 -7.37 -1.42
CA PHE B 323 26.40 -8.42 -0.94
C PHE B 323 25.10 -7.65 -0.73
N VAL B 324 23.99 -8.11 -1.29
CA VAL B 324 22.72 -7.40 -1.14
C VAL B 324 21.62 -8.32 -0.64
N ILE B 325 20.84 -7.87 0.33
CA ILE B 325 19.74 -8.66 0.84
C ILE B 325 18.52 -7.79 0.94
N GLY B 326 17.35 -8.39 0.81
CA GLY B 326 16.11 -7.65 0.92
C GLY B 326 15.39 -8.12 2.15
N VAL B 327 14.85 -7.20 2.92
CA VAL B 327 14.13 -7.53 4.16
C VAL B 327 12.64 -7.19 4.03
N LYS B 328 11.77 -8.15 4.37
CA LYS B 328 10.33 -7.95 4.30
C LYS B 328 9.68 -8.42 5.60
N LEU B 329 8.92 -7.54 6.25
CA LEU B 329 8.21 -7.88 7.49
C LEU B 329 6.93 -8.51 7.02
N THR B 330 6.85 -9.83 7.10
CA THR B 330 5.67 -10.55 6.63
C THR B 330 4.45 -10.48 7.54
N ILE B 331 4.57 -11.02 8.75
CA ILE B 331 3.44 -11.00 9.66
C ILE B 331 3.80 -10.53 11.06
N ILE B 332 2.78 -10.12 11.79
CA ILE B 332 2.93 -9.69 13.16
C ILE B 332 2.02 -10.58 13.99
N GLU B 333 2.60 -11.32 14.91
CA GLU B 333 1.82 -12.21 15.72
C GLU B 333 1.58 -11.67 17.08
N ASN B 334 0.43 -12.01 17.63
CA ASN B 334 0.03 -11.56 18.96
C ASN B 334 0.23 -10.09 19.08
N MET B 335 -0.19 -9.39 18.04
CA MET B 335 -0.04 -7.96 18.02
C MET B 335 -0.93 -7.31 19.05
N CYS B 336 -0.59 -6.09 19.42
CA CYS B 336 -1.35 -5.35 20.39
C CYS B 336 -1.20 -3.87 20.06
N ALA B 337 -2.31 -3.19 19.78
CA ALA B 337 -2.27 -1.77 19.41
C ALA B 337 -3.09 -0.90 20.35
N TYR B 338 -2.72 0.37 20.48
CA TYR B 338 -3.42 1.28 21.37
C TYR B 338 -3.77 2.57 20.68
N GLY B 339 -4.98 3.08 20.92
CA GLY B 339 -5.41 4.34 20.37
C GLY B 339 -5.46 4.52 18.87
N LEU B 340 -6.14 5.59 18.48
CA LEU B 340 -6.31 5.95 17.08
C LEU B 340 -5.32 7.05 16.75
N ASN B 341 -4.76 6.99 15.54
CA ASN B 341 -3.75 7.95 15.07
C ASN B 341 -4.28 9.11 14.22
N PRO B 342 -4.08 10.37 14.67
CA PRO B 342 -4.53 11.56 13.93
C PRO B 342 -3.71 11.70 12.65
N GLY B 343 -2.46 11.24 12.71
CA GLY B 343 -1.57 11.28 11.57
C GLY B 343 -0.48 12.32 11.64
N ILE B 344 0.67 11.97 11.07
CA ILE B 344 1.81 12.85 11.00
C ILE B 344 2.08 12.91 9.51
N SER B 345 2.47 14.07 9.01
CA SER B 345 2.72 14.26 7.60
C SER B 345 4.07 13.74 7.09
N GLY B 346 4.02 12.87 6.07
CA GLY B 346 5.21 12.29 5.45
C GLY B 346 5.87 11.13 6.21
N SER B 347 6.89 10.52 5.61
CA SER B 347 7.62 9.44 6.29
C SER B 347 9.02 9.31 5.71
N ARG B 348 9.89 8.64 6.45
CA ARG B 348 11.27 8.43 6.03
C ARG B 348 11.39 7.43 4.88
N LEU B 349 12.43 7.59 4.08
CA LEU B 349 12.68 6.68 2.95
C LEU B 349 13.28 5.36 3.42
N LEU B 350 12.86 4.26 2.79
CA LEU B 350 13.38 2.93 3.09
C LEU B 350 14.74 2.75 2.39
N GLY B 351 15.33 1.56 2.57
CA GLY B 351 16.58 1.19 1.91
C GLY B 351 16.36 0.81 0.40
#